data_4HP5
#
_entry.id   4HP5
#
_cell.length_a   58.849
_cell.length_b   81.325
_cell.length_c   138.258
_cell.angle_alpha   90.00
_cell.angle_beta   90.00
_cell.angle_gamma   90.00
#
_symmetry.space_group_name_H-M   'P 21 21 21'
#
loop_
_entity.id
_entity.type
_entity.pdbx_description
1 polymer 'Sucrose isomerase'
2 non-polymer GLYCEROL
3 non-polymer 'CALCIUM ION'
4 non-polymer alpha-D-glucopyranose
5 water water
#
_entity_poly.entity_id   1
_entity_poly.type   'polypeptide(L)'
_entity_poly.pdbx_seq_one_letter_code
;NALPTWWKQAVFYQVYPRSFKDTNGDGIGDLNGIIENLDYLKKLGIDAIWINPHYDSPNTDNGYDIRDYRKIMKEYGTME
DFDRLISEMKKRNMRLMIDIVINHTSDQHAWFVQSKSGKNNPYRDYYFWRDGKDGHAPNNYPSFFGGSAWEKDDKSGQYY
LHYFAKQQPDLNWDNPKVRQDLYDMLRFWLDKGVSGLRFDTVATYSKIPNFPDLSQQQLKNFAEEYTKGPKIHDYVNEMN
REVLSHYDIATAGAIFGVPLDKSIKFFDRRRNELNIAFTFDLIRLDRDADERWRRKDWTLSQFRKIVDKVDQTAGEYGWN
AFFLDNHDNPRAVSHFGDDRPQWREHAAKALATLTLTQRATPFIYQGSELGMTNYPFKKIDDFDDVEVKGFWQDYVETGK
VKAEEFLQNVRQTSRDNSRTPFQWDASKNAGFTSGTPWLKINPNYKEINSADQINNPNSVFNYYRKLINIRHDIPALTYG
SYIDLDPDNNSVYAYTRTLGAEKYLVVINFKEEVMHYTLPGDLSINKVITENNSHTIVNKNDRQLRLEPWQSGIYKLNP
;
_entity_poly.pdbx_strand_id   A
#
loop_
_chem_comp.id
_chem_comp.type
_chem_comp.name
_chem_comp.formula
CA non-polymer 'CALCIUM ION' 'Ca 2'
GLC D-saccharide, alpha linking alpha-D-glucopyranose 'C6 H12 O6'
GOL non-polymer GLYCEROL 'C3 H8 O3'
#
# COMPACT_ATOMS: atom_id res chain seq x y z
N ASN A 1 18.34 2.30 22.60
CA ASN A 1 17.56 3.59 22.54
C ASN A 1 16.40 3.48 21.56
N ALA A 2 15.32 4.21 21.83
CA ALA A 2 14.12 4.18 20.98
C ALA A 2 13.14 5.30 21.35
N LEU A 3 13.20 6.42 20.63
CA LEU A 3 12.13 7.45 20.58
C LEU A 3 10.70 6.90 20.25
N PRO A 4 9.89 6.49 21.27
CA PRO A 4 8.52 6.03 20.97
C PRO A 4 7.65 7.21 20.49
N THR A 5 6.74 6.98 19.54
CA THR A 5 5.78 8.02 19.13
C THR A 5 4.45 7.32 18.83
N TRP A 6 3.37 8.09 18.72
CA TRP A 6 2.07 7.45 18.44
C TRP A 6 2.13 6.66 17.15
N TRP A 7 2.82 7.21 16.13
CA TRP A 7 2.70 6.62 14.77
C TRP A 7 3.59 5.39 14.65
N LYS A 8 4.68 5.34 15.44
CA LYS A 8 5.42 4.06 15.51
C LYS A 8 4.67 2.89 16.12
N GLN A 9 3.84 3.17 17.12
CA GLN A 9 3.13 2.11 17.77
C GLN A 9 1.68 1.98 17.28
N ALA A 10 1.29 2.76 16.30
CA ALA A 10 -0.12 2.69 15.77
C ALA A 10 -0.31 1.43 14.95
N VAL A 11 -1.55 0.97 14.88
CA VAL A 11 -1.95 0.01 13.87
C VAL A 11 -2.91 0.75 12.94
N PHE A 12 -2.50 0.91 11.66
CA PHE A 12 -3.30 1.61 10.65
C PHE A 12 -4.18 0.65 9.88
N TYR A 13 -5.32 1.18 9.44
CA TYR A 13 -6.21 0.45 8.52
C TYR A 13 -6.38 1.30 7.31
N GLN A 14 -6.26 0.67 6.13
CA GLN A 14 -6.36 1.42 4.90
C GLN A 14 -7.77 1.23 4.32
N VAL A 15 -8.46 2.34 4.13
CA VAL A 15 -9.77 2.31 3.51
C VAL A 15 -9.66 2.85 2.10
N TYR A 16 -10.15 2.08 1.13
CA TYR A 16 -10.25 2.48 -0.26
C TYR A 16 -11.71 2.92 -0.41
N PRO A 17 -11.98 4.22 -0.29
CA PRO A 17 -13.39 4.58 -0.10
C PRO A 17 -14.38 4.13 -1.20
N ARG A 18 -13.91 4.10 -2.43
CA ARG A 18 -14.76 3.59 -3.59
C ARG A 18 -15.35 2.18 -3.37
N SER A 19 -14.64 1.35 -2.58
CA SER A 19 -15.01 -0.04 -2.36
C SER A 19 -15.30 -0.42 -0.91
N PHE A 20 -15.51 0.57 -0.04
CA PHE A 20 -15.68 0.21 1.38
C PHE A 20 -17.16 0.03 1.72
N LYS A 21 -17.95 1.12 1.63
CA LYS A 21 -19.40 1.02 1.91
C LYS A 21 -20.18 2.13 1.19
N ASP A 22 -21.10 1.68 0.34
CA ASP A 22 -21.97 2.59 -0.42
C ASP A 22 -23.24 2.89 0.44
N THR A 23 -23.60 4.15 0.71
CA THR A 23 -24.72 4.40 1.58
C THR A 23 -25.86 5.10 0.78
N ASN A 24 -25.71 5.27 -0.50
CA ASN A 24 -26.79 5.90 -1.30
C ASN A 24 -27.23 5.11 -2.57
N GLY A 25 -26.84 3.84 -2.69
CA GLY A 25 -27.28 3.01 -3.82
C GLY A 25 -26.68 3.30 -5.18
N ASP A 26 -25.67 4.16 -5.32
CA ASP A 26 -25.08 4.36 -6.69
C ASP A 26 -24.00 3.29 -7.04
N GLY A 27 -23.74 2.38 -6.09
CA GLY A 27 -22.78 1.30 -6.34
C GLY A 27 -21.32 1.65 -6.00
N ILE A 28 -21.11 2.88 -5.55
CA ILE A 28 -19.75 3.38 -5.22
C ILE A 28 -19.68 3.67 -3.72
N GLY A 29 -18.58 3.26 -3.04
CA GLY A 29 -18.49 3.55 -1.62
C GLY A 29 -18.30 5.04 -1.40
N ASP A 30 -18.68 5.50 -0.21
CA ASP A 30 -18.64 6.97 0.05
C ASP A 30 -18.20 7.27 1.49
N LEU A 31 -17.94 8.55 1.79
CA LEU A 31 -17.55 8.99 3.14
C LEU A 31 -18.54 8.56 4.22
N ASN A 32 -19.83 8.76 3.98
CA ASN A 32 -20.79 8.36 4.97
C ASN A 32 -20.69 6.86 5.27
N GLY A 33 -20.37 6.03 4.28
CA GLY A 33 -20.23 4.60 4.53
C GLY A 33 -18.98 4.34 5.44
N ILE A 34 -17.94 5.18 5.33
CA ILE A 34 -16.79 5.07 6.29
C ILE A 34 -17.30 5.42 7.70
N ILE A 35 -17.95 6.57 7.79
CA ILE A 35 -18.44 7.05 9.10
C ILE A 35 -19.30 6.00 9.78
N GLU A 36 -20.17 5.39 9.00
CA GLU A 36 -21.11 4.43 9.53
C GLU A 36 -20.45 3.20 10.13
N ASN A 37 -19.24 2.90 9.68
CA ASN A 37 -18.54 1.72 10.15
C ASN A 37 -17.32 2.00 11.05
N LEU A 38 -17.28 3.18 11.64
CA LEU A 38 -16.13 3.49 12.52
C LEU A 38 -16.16 2.61 13.75
N ASP A 39 -17.36 2.29 14.28
CA ASP A 39 -17.39 1.41 15.48
C ASP A 39 -16.89 -0.03 15.16
N TYR A 40 -17.15 -0.51 13.95
CA TYR A 40 -16.55 -1.76 13.49
C TYR A 40 -15.00 -1.70 13.52
N LEU A 41 -14.42 -0.61 12.99
CA LEU A 41 -12.98 -0.49 13.02
C LEU A 41 -12.43 -0.32 14.45
N LYS A 42 -13.16 0.40 15.29
CA LYS A 42 -12.77 0.58 16.68
C LYS A 42 -12.81 -0.77 17.39
N LYS A 43 -13.79 -1.61 17.08
CA LYS A 43 -13.83 -2.96 17.66
C LYS A 43 -12.63 -3.87 17.22
N LEU A 44 -12.23 -3.75 15.94
CA LEU A 44 -11.06 -4.51 15.47
C LEU A 44 -9.80 -4.09 16.27
N GLY A 45 -9.72 -2.81 16.65
CA GLY A 45 -8.62 -2.28 17.50
C GLY A 45 -7.70 -1.28 16.77
N ILE A 46 -8.09 -0.80 15.58
CA ILE A 46 -7.38 0.17 14.68
C ILE A 46 -7.33 1.46 15.43
N ASP A 47 -6.20 2.18 15.46
CA ASP A 47 -6.30 3.57 15.96
C ASP A 47 -6.02 4.64 14.91
N ALA A 48 -5.70 4.24 13.68
CA ALA A 48 -5.52 5.24 12.65
C ALA A 48 -6.03 4.68 11.34
N ILE A 49 -6.57 5.56 10.50
CA ILE A 49 -7.09 5.15 9.20
C ILE A 49 -6.39 5.98 8.13
N TRP A 50 -5.85 5.33 7.10
CA TRP A 50 -5.43 6.03 5.91
C TRP A 50 -6.49 5.83 4.79
N ILE A 51 -7.04 6.96 4.28
CA ILE A 51 -7.96 6.87 3.15
C ILE A 51 -7.26 7.21 1.82
N ASN A 52 -7.57 6.44 0.79
CA ASN A 52 -7.12 6.72 -0.59
C ASN A 52 -7.79 8.08 -1.02
N PRO A 53 -7.34 8.67 -2.15
CA PRO A 53 -7.68 10.07 -2.48
C PRO A 53 -9.19 10.32 -2.48
N HIS A 54 -9.57 11.37 -1.82
CA HIS A 54 -11.00 11.66 -1.60
C HIS A 54 -11.42 12.97 -2.27
N TYR A 55 -10.63 13.44 -3.25
CA TYR A 55 -10.76 14.79 -3.86
C TYR A 55 -11.53 14.72 -5.18
N ASP A 56 -12.08 15.85 -5.56
CA ASP A 56 -12.64 16.01 -6.93
C ASP A 56 -11.77 15.45 -8.05
N SER A 57 -12.29 14.47 -8.79
CA SER A 57 -11.49 13.70 -9.76
C SER A 57 -12.41 13.14 -10.86
N PRO A 58 -11.95 13.13 -12.13
CA PRO A 58 -12.70 12.47 -13.23
C PRO A 58 -12.59 10.97 -13.12
N ASN A 59 -11.77 10.44 -12.19
CA ASN A 59 -11.62 8.97 -12.00
C ASN A 59 -11.12 8.12 -13.14
N THR A 60 -10.24 8.65 -13.99
CA THR A 60 -9.43 7.84 -14.90
C THR A 60 -8.64 6.82 -14.07
N ASP A 61 -8.15 7.25 -12.93
CA ASP A 61 -7.32 6.35 -12.00
C ASP A 61 -7.93 6.46 -10.59
N ASN A 62 -9.25 6.45 -10.50
CA ASN A 62 -9.94 6.26 -9.20
C ASN A 62 -9.40 7.17 -8.10
N GLY A 63 -9.37 8.48 -8.40
CA GLY A 63 -9.01 9.50 -7.43
C GLY A 63 -7.59 9.99 -7.52
N TYR A 64 -6.69 9.24 -8.13
CA TYR A 64 -5.32 9.66 -8.30
C TYR A 64 -5.11 10.68 -9.43
N ASP A 65 -6.17 11.03 -10.13
CA ASP A 65 -6.15 12.11 -11.12
C ASP A 65 -7.03 13.25 -10.60
N ILE A 66 -6.38 14.19 -9.92
CA ILE A 66 -7.14 15.17 -9.12
C ILE A 66 -7.40 16.45 -9.90
N ARG A 67 -8.68 16.82 -9.95
CA ARG A 67 -9.13 17.96 -10.77
C ARG A 67 -9.27 19.20 -9.88
N ASP A 68 -9.54 19.00 -8.59
CA ASP A 68 -9.50 20.15 -7.69
C ASP A 68 -9.11 19.64 -6.30
N TYR A 69 -7.94 20.06 -5.79
CA TYR A 69 -7.46 19.58 -4.50
C TYR A 69 -8.30 20.04 -3.31
N ARG A 70 -9.17 21.04 -3.49
CA ARG A 70 -9.89 21.53 -2.32
C ARG A 70 -11.36 21.19 -2.30
N LYS A 71 -11.78 20.31 -3.20
CA LYS A 71 -13.16 19.81 -3.23
C LYS A 71 -13.21 18.31 -2.95
N ILE A 72 -14.22 17.82 -2.21
CA ILE A 72 -14.52 16.38 -2.10
C ILE A 72 -14.99 15.76 -3.43
N MET A 73 -14.60 14.51 -3.67
CA MET A 73 -15.02 13.84 -4.85
C MET A 73 -16.55 13.74 -4.83
N LYS A 74 -17.14 14.00 -5.99
CA LYS A 74 -18.62 14.01 -6.01
C LYS A 74 -19.20 12.68 -5.48
N GLU A 75 -18.69 11.54 -5.97
CA GLU A 75 -19.18 10.25 -5.56
C GLU A 75 -18.92 10.00 -4.05
N TYR A 76 -17.97 10.68 -3.41
CA TYR A 76 -17.76 10.41 -1.95
C TYR A 76 -18.63 11.21 -0.97
N GLY A 77 -19.09 12.38 -1.45
CA GLY A 77 -20.06 13.25 -0.72
C GLY A 77 -19.59 14.68 -0.68
N THR A 78 -19.74 15.35 0.47
CA THR A 78 -19.53 16.77 0.56
C THR A 78 -18.47 17.07 1.56
N MET A 79 -18.02 18.33 1.61
CA MET A 79 -17.09 18.81 2.63
C MET A 79 -17.65 18.60 4.04
N GLU A 80 -18.96 18.77 4.18
CA GLU A 80 -19.66 18.51 5.44
C GLU A 80 -19.48 17.06 5.89
N ASP A 81 -19.53 16.14 4.92
CA ASP A 81 -19.33 14.71 5.24
C ASP A 81 -17.88 14.48 5.64
N PHE A 82 -16.96 15.16 4.95
CA PHE A 82 -15.52 15.03 5.29
C PHE A 82 -15.27 15.47 6.75
N ASP A 83 -15.79 16.65 7.07
CA ASP A 83 -15.55 17.24 8.41
C ASP A 83 -16.22 16.38 9.49
N ARG A 84 -17.35 15.73 9.17
CA ARG A 84 -17.97 14.76 10.08
C ARG A 84 -17.11 13.51 10.26
N LEU A 85 -16.47 13.02 9.18
CA LEU A 85 -15.57 11.88 9.38
C LEU A 85 -14.51 12.21 10.41
N ILE A 86 -13.84 13.36 10.24
CA ILE A 86 -12.84 13.82 11.18
C ILE A 86 -13.34 13.91 12.63
N SER A 87 -14.52 14.47 12.77
CA SER A 87 -15.10 14.76 14.06
C SER A 87 -15.55 13.45 14.70
N GLU A 88 -16.12 12.56 13.90
CA GLU A 88 -16.49 11.26 14.47
C GLU A 88 -15.30 10.33 14.77
N MET A 89 -14.22 10.47 14.00
CA MET A 89 -12.97 9.75 14.35
C MET A 89 -12.42 10.32 15.65
N LYS A 90 -12.48 11.64 15.76
CA LYS A 90 -11.93 12.30 16.98
C LYS A 90 -12.65 11.79 18.21
N LYS A 91 -13.99 11.69 18.13
CA LYS A 91 -14.81 11.16 19.26
C LYS A 91 -14.34 9.80 19.68
N ARG A 92 -13.83 9.03 18.73
CA ARG A 92 -13.40 7.67 19.00
C ARG A 92 -11.88 7.57 19.16
N ASN A 93 -11.18 8.70 19.27
CA ASN A 93 -9.71 8.72 19.47
C ASN A 93 -8.97 8.01 18.34
N MET A 94 -9.42 8.23 17.10
CA MET A 94 -8.76 7.68 15.90
C MET A 94 -8.17 8.84 15.11
N ARG A 95 -7.02 8.62 14.47
CA ARG A 95 -6.35 9.66 13.65
C ARG A 95 -6.47 9.34 12.17
N LEU A 96 -6.69 10.35 11.37
CA LEU A 96 -6.88 10.21 9.91
C LEU A 96 -5.61 10.62 9.19
N MET A 97 -5.15 9.75 8.28
CA MET A 97 -4.13 10.03 7.32
C MET A 97 -4.82 10.14 5.93
N ILE A 98 -4.52 11.18 5.16
CA ILE A 98 -5.03 11.37 3.79
C ILE A 98 -3.89 11.18 2.79
N ASP A 99 -4.28 11.04 1.52
CA ASP A 99 -3.39 10.65 0.47
C ASP A 99 -3.07 11.89 -0.29
N ILE A 100 -1.81 12.24 -0.34
CA ILE A 100 -1.38 13.47 -1.04
C ILE A 100 -0.73 13.12 -2.39
N VAL A 101 -1.38 13.55 -3.49
CA VAL A 101 -0.98 13.11 -4.86
C VAL A 101 -0.56 14.37 -5.60
N ILE A 102 0.74 14.72 -5.53
CA ILE A 102 1.21 16.00 -6.04
C ILE A 102 2.39 15.79 -6.94
N ASN A 103 2.60 14.56 -7.40
CA ASN A 103 3.47 14.34 -8.56
C ASN A 103 2.79 14.84 -9.85
N HIS A 104 1.46 14.82 -9.88
CA HIS A 104 0.66 15.11 -11.12
C HIS A 104 -0.71 15.55 -10.69
N THR A 105 -1.46 16.20 -11.57
CA THR A 105 -2.84 16.52 -11.34
C THR A 105 -3.63 15.87 -12.51
N SER A 106 -4.95 15.96 -12.42
CA SER A 106 -5.77 15.64 -13.60
C SER A 106 -5.44 16.66 -14.70
N ASP A 107 -5.55 16.22 -15.95
CA ASP A 107 -5.56 17.16 -17.10
C ASP A 107 -6.78 18.10 -17.14
N GLN A 108 -7.75 17.94 -16.23
CA GLN A 108 -8.88 18.85 -16.08
C GLN A 108 -8.65 19.85 -14.97
N HIS A 109 -7.57 19.67 -14.20
CA HIS A 109 -7.28 20.63 -13.14
C HIS A 109 -7.10 22.04 -13.81
N ALA A 110 -7.65 23.09 -13.18
CA ALA A 110 -7.56 24.48 -13.71
C ALA A 110 -6.11 24.84 -14.07
N TRP A 111 -5.10 24.39 -13.28
CA TRP A 111 -3.76 24.72 -13.67
C TRP A 111 -3.37 24.20 -15.02
N PHE A 112 -3.81 22.95 -15.36
CA PHE A 112 -3.42 22.35 -16.62
C PHE A 112 -4.19 22.99 -17.79
N VAL A 113 -5.45 23.27 -17.56
CA VAL A 113 -6.31 23.85 -18.62
C VAL A 113 -5.62 25.16 -19.06
N GLN A 114 -5.10 25.93 -18.12
CA GLN A 114 -4.39 27.18 -18.43
C GLN A 114 -3.05 26.94 -19.08
N SER A 115 -2.30 25.98 -18.52
CA SER A 115 -0.99 25.66 -19.02
C SER A 115 -1.03 25.23 -20.49
N LYS A 116 -2.03 24.44 -20.86
CA LYS A 116 -2.07 23.93 -22.25
C LYS A 116 -2.54 24.96 -23.30
N SER A 117 -3.17 26.05 -22.82
CA SER A 117 -3.74 27.12 -23.68
C SER A 117 -2.71 27.86 -24.57
N GLY A 118 -1.45 27.92 -24.11
CA GLY A 118 -0.33 28.36 -24.97
C GLY A 118 0.94 28.72 -24.22
N LYS A 119 2.02 28.91 -24.96
CA LYS A 119 3.31 29.21 -24.31
C LYS A 119 3.28 30.43 -23.44
N ASN A 120 2.38 31.38 -23.74
CA ASN A 120 2.28 32.67 -23.01
C ASN A 120 1.47 32.64 -21.72
N ASN A 121 0.71 31.59 -21.50
CA ASN A 121 -0.06 31.55 -20.29
C ASN A 121 0.86 31.45 -19.03
N PRO A 122 0.55 32.20 -17.97
CA PRO A 122 1.29 32.19 -16.68
C PRO A 122 1.47 30.75 -16.11
N TYR A 123 0.57 29.83 -16.47
CA TYR A 123 0.67 28.42 -15.98
C TYR A 123 1.41 27.49 -16.88
N ARG A 124 2.00 28.02 -17.94
CA ARG A 124 2.71 27.16 -18.86
C ARG A 124 3.75 26.27 -18.18
N ASP A 125 4.60 26.84 -17.33
CA ASP A 125 5.72 26.15 -16.71
C ASP A 125 5.30 25.44 -15.42
N TYR A 126 4.00 25.26 -15.23
CA TYR A 126 3.51 24.41 -14.12
C TYR A 126 3.61 22.93 -14.47
N TYR A 127 3.79 22.60 -15.76
CA TYR A 127 3.90 21.21 -16.26
C TYR A 127 5.12 21.17 -17.18
N PHE A 128 5.46 20.00 -17.71
CA PHE A 128 6.65 19.86 -18.57
C PHE A 128 6.19 19.79 -20.03
N TRP A 129 6.62 20.78 -20.84
CA TRP A 129 6.27 20.93 -22.26
C TRP A 129 7.52 20.86 -23.00
N ARG A 130 7.59 20.05 -24.05
CA ARG A 130 8.80 19.88 -24.83
C ARG A 130 8.45 19.63 -26.32
N ASP A 131 9.27 20.13 -27.24
CA ASP A 131 9.17 19.79 -28.66
C ASP A 131 9.47 18.36 -28.96
N GLY A 132 8.76 17.81 -29.96
CA GLY A 132 9.05 16.54 -30.60
C GLY A 132 10.45 16.45 -31.17
N LYS A 133 10.91 15.24 -31.39
CA LYS A 133 12.19 15.05 -32.04
C LYS A 133 11.84 14.31 -33.31
N ASP A 134 12.09 14.96 -34.45
CA ASP A 134 11.83 14.39 -35.78
C ASP A 134 10.44 13.82 -35.89
N GLY A 135 9.42 14.62 -35.58
CA GLY A 135 8.02 14.17 -35.57
C GLY A 135 7.67 13.00 -34.63
N HIS A 136 8.52 12.70 -33.63
CA HIS A 136 8.23 11.68 -32.56
C HIS A 136 8.31 12.37 -31.18
N ALA A 137 8.02 11.64 -30.08
CA ALA A 137 8.04 12.22 -28.70
C ALA A 137 9.44 12.78 -28.38
N PRO A 138 9.56 13.75 -27.45
CA PRO A 138 10.88 14.25 -27.11
C PRO A 138 11.91 13.18 -26.81
N ASN A 139 11.50 12.05 -26.21
CA ASN A 139 12.49 11.01 -25.91
C ASN A 139 11.73 9.71 -25.75
N ASN A 140 12.42 8.62 -25.45
CA ASN A 140 11.84 7.30 -25.43
C ASN A 140 11.15 6.93 -24.05
N TYR A 141 10.74 7.92 -23.25
CA TYR A 141 10.18 7.63 -21.90
C TYR A 141 8.90 6.85 -22.05
N PRO A 142 8.79 5.69 -21.36
CA PRO A 142 7.48 5.03 -21.37
C PRO A 142 6.64 5.47 -20.15
N SER A 143 5.33 5.38 -20.27
CA SER A 143 4.37 5.56 -19.14
C SER A 143 4.12 4.30 -18.39
N PHE A 144 3.95 4.39 -17.06
CA PHE A 144 3.43 3.24 -16.27
C PHE A 144 2.14 2.66 -16.81
N PHE A 145 1.32 3.51 -17.41
CA PHE A 145 -0.05 3.12 -17.78
C PHE A 145 -0.21 2.89 -19.30
N GLY A 146 0.90 2.74 -19.98
CA GLY A 146 0.82 2.37 -21.41
C GLY A 146 1.31 3.47 -22.34
N GLY A 147 2.05 3.05 -23.37
CA GLY A 147 2.56 3.91 -24.43
C GLY A 147 3.67 4.83 -23.91
N SER A 148 3.79 5.93 -24.60
CA SER A 148 4.81 6.90 -24.29
C SER A 148 4.38 7.76 -23.06
N ALA A 149 5.37 8.25 -22.29
CA ALA A 149 5.13 9.24 -21.21
C ALA A 149 4.98 10.66 -21.80
N TRP A 150 4.96 10.79 -23.14
CA TRP A 150 4.68 12.14 -23.76
C TRP A 150 3.49 12.17 -24.62
N GLU A 151 2.63 13.15 -24.38
CA GLU A 151 1.42 13.30 -25.16
C GLU A 151 1.50 14.60 -25.98
N LYS A 152 1.44 14.45 -27.29
CA LYS A 152 1.28 15.65 -28.20
C LYS A 152 0.04 16.45 -27.95
N ASP A 153 0.16 17.75 -27.76
CA ASP A 153 -0.96 18.68 -27.70
C ASP A 153 -1.02 19.54 -29.01
N ASP A 154 -2.14 19.46 -29.74
CA ASP A 154 -2.29 20.19 -31.02
C ASP A 154 -2.35 21.70 -30.91
N LYS A 155 -2.98 22.20 -29.87
CA LYS A 155 -3.03 23.65 -29.62
C LYS A 155 -1.62 24.30 -29.73
N SER A 156 -0.61 23.76 -29.04
CA SER A 156 0.74 24.34 -28.99
C SER A 156 1.74 23.62 -29.88
N GLY A 157 1.43 22.42 -30.34
CA GLY A 157 2.45 21.65 -31.05
C GLY A 157 3.49 20.98 -30.15
N GLN A 158 3.44 21.26 -28.84
CA GLN A 158 4.43 20.67 -27.91
C GLN A 158 3.92 19.36 -27.23
N TYR A 159 4.81 18.55 -26.64
CA TYR A 159 4.36 17.38 -25.90
C TYR A 159 4.39 17.71 -24.40
N TYR A 160 3.44 17.16 -23.64
CA TYR A 160 3.54 17.24 -22.16
C TYR A 160 3.85 15.86 -21.55
N LEU A 161 4.57 15.89 -20.43
CA LEU A 161 5.07 14.69 -19.78
C LEU A 161 3.95 14.11 -18.87
N HIS A 162 3.73 12.79 -18.92
CA HIS A 162 2.85 12.11 -17.99
C HIS A 162 3.45 10.75 -17.66
N TYR A 163 4.04 10.61 -16.47
CA TYR A 163 4.55 9.28 -16.09
C TYR A 163 3.38 8.29 -15.97
N PHE A 164 2.23 8.78 -15.53
CA PHE A 164 1.06 7.92 -15.40
C PHE A 164 0.11 8.08 -16.62
N ALA A 165 -1.21 8.27 -16.40
CA ALA A 165 -2.16 8.30 -17.56
C ALA A 165 -1.98 9.62 -18.28
N LYS A 166 -2.33 9.66 -19.56
CA LYS A 166 -2.24 10.89 -20.27
C LYS A 166 -3.12 11.95 -19.58
N GLN A 167 -4.12 11.51 -18.80
CA GLN A 167 -4.94 12.42 -17.98
C GLN A 167 -4.28 12.76 -16.60
N GLN A 168 -3.03 12.37 -16.43
CA GLN A 168 -2.22 12.74 -15.21
C GLN A 168 -0.91 13.43 -15.58
N PRO A 169 -1.01 14.65 -16.10
CA PRO A 169 0.25 15.39 -16.43
C PRO A 169 1.05 15.74 -15.18
N ASP A 170 2.38 15.56 -15.27
CA ASP A 170 3.26 15.76 -14.12
C ASP A 170 3.50 17.22 -13.84
N LEU A 171 3.39 17.60 -12.54
CA LEU A 171 3.64 18.97 -12.06
C LEU A 171 5.13 19.26 -12.08
N ASN A 172 5.47 20.51 -12.41
CA ASN A 172 6.90 20.94 -12.52
C ASN A 172 7.44 21.48 -11.18
N TRP A 173 7.99 20.59 -10.37
CA TRP A 173 8.53 20.93 -9.06
C TRP A 173 9.75 21.82 -9.14
N ASP A 174 10.39 21.91 -10.31
CA ASP A 174 11.53 22.89 -10.48
C ASP A 174 11.03 24.32 -10.50
N ASN A 175 9.71 24.52 -10.53
CA ASN A 175 9.12 25.85 -10.57
C ASN A 175 8.70 26.20 -9.13
N PRO A 176 9.35 27.19 -8.53
CA PRO A 176 9.03 27.51 -7.15
C PRO A 176 7.60 27.91 -6.90
N LYS A 177 6.93 28.52 -7.89
CA LYS A 177 5.52 28.86 -7.78
C LYS A 177 4.62 27.60 -7.68
N VAL A 178 5.04 26.54 -8.34
CA VAL A 178 4.33 25.23 -8.21
C VAL A 178 4.47 24.77 -6.73
N ARG A 179 5.70 24.72 -6.21
CA ARG A 179 5.87 24.21 -4.83
C ARG A 179 5.09 25.07 -3.84
N GLN A 180 5.13 26.40 -4.01
CA GLN A 180 4.38 27.26 -3.06
C GLN A 180 2.87 27.00 -3.14
N ASP A 181 2.33 26.80 -4.35
CA ASP A 181 0.86 26.49 -4.44
C ASP A 181 0.49 25.14 -3.80
N LEU A 182 1.37 24.16 -3.96
CA LEU A 182 1.16 22.85 -3.36
C LEU A 182 1.21 23.05 -1.83
N TYR A 183 2.15 23.88 -1.33
CA TYR A 183 2.23 24.07 0.15
C TYR A 183 0.96 24.72 0.71
N ASP A 184 0.40 25.69 -0.03
CA ASP A 184 -0.86 26.31 0.44
C ASP A 184 -1.96 25.24 0.48
N MET A 185 -1.95 24.38 -0.54
CA MET A 185 -2.95 23.29 -0.62
C MET A 185 -2.82 22.34 0.59
N LEU A 186 -1.57 21.96 0.92
CA LEU A 186 -1.36 21.07 2.11
C LEU A 186 -1.92 21.72 3.41
N ARG A 187 -1.61 23.03 3.58
CA ARG A 187 -2.08 23.77 4.79
C ARG A 187 -3.60 23.79 4.81
N PHE A 188 -4.24 23.92 3.65
CA PHE A 188 -5.74 23.83 3.66
C PHE A 188 -6.20 22.56 4.39
N TRP A 189 -5.64 21.40 4.06
CA TRP A 189 -6.03 20.15 4.72
C TRP A 189 -5.48 20.00 6.11
N LEU A 190 -4.22 20.35 6.31
CA LEU A 190 -3.66 20.18 7.66
C LEU A 190 -4.38 21.08 8.66
N ASP A 191 -4.90 22.23 8.19
CA ASP A 191 -5.57 23.14 9.14
C ASP A 191 -6.85 22.51 9.59
N LYS A 192 -7.35 21.53 8.83
CA LYS A 192 -8.60 20.84 9.29
C LYS A 192 -8.31 19.76 10.36
N GLY A 193 -7.07 19.62 10.82
CA GLY A 193 -6.85 18.68 11.94
C GLY A 193 -6.49 17.25 11.51
N VAL A 194 -6.26 17.05 10.23
CA VAL A 194 -5.76 15.75 9.73
C VAL A 194 -4.42 15.40 10.45
N SER A 195 -4.23 14.14 10.84
CA SER A 195 -3.07 13.72 11.64
C SER A 195 -1.93 13.11 10.80
N GLY A 196 -2.21 12.74 9.56
CA GLY A 196 -1.18 12.17 8.75
C GLY A 196 -1.34 12.42 7.28
N LEU A 197 -0.22 12.26 6.59
CA LEU A 197 -0.20 12.45 5.13
C LEU A 197 0.56 11.28 4.57
N ARG A 198 0.04 10.68 3.49
CA ARG A 198 0.80 9.69 2.70
C ARG A 198 1.13 10.34 1.38
N PHE A 199 2.42 10.45 1.04
CA PHE A 199 2.82 11.08 -0.18
C PHE A 199 2.96 10.06 -1.32
N ASP A 200 2.03 10.12 -2.25
CA ASP A 200 1.97 9.25 -3.40
C ASP A 200 3.17 9.45 -4.32
N THR A 201 3.82 8.36 -4.69
CA THR A 201 5.03 8.39 -5.54
C THR A 201 5.90 9.62 -5.24
N VAL A 202 6.29 9.75 -3.98
CA VAL A 202 7.00 10.93 -3.53
C VAL A 202 8.39 11.06 -4.19
N ALA A 203 8.96 9.94 -4.66
CA ALA A 203 10.33 9.98 -5.14
C ALA A 203 10.46 10.48 -6.61
N THR A 204 9.35 10.73 -7.30
CA THR A 204 9.42 11.10 -8.74
C THR A 204 9.23 12.61 -9.02
N TYR A 205 9.09 13.42 -7.98
CA TYR A 205 8.85 14.89 -8.17
C TYR A 205 9.94 15.58 -8.97
N SER A 206 11.19 15.13 -8.83
CA SER A 206 12.32 15.82 -9.45
C SER A 206 12.58 15.10 -10.77
N LYS A 207 12.44 15.83 -11.87
CA LYS A 207 12.71 15.30 -13.20
C LYS A 207 14.20 15.45 -13.61
N ILE A 208 14.62 14.69 -14.60
CA ILE A 208 16.03 14.53 -14.93
C ILE A 208 16.38 15.67 -15.90
N PRO A 209 17.37 16.51 -15.53
CA PRO A 209 17.76 17.68 -16.35
C PRO A 209 17.93 17.29 -17.84
N ASN A 210 17.34 18.05 -18.73
CA ASN A 210 17.41 17.82 -20.19
C ASN A 210 16.73 16.59 -20.75
N PHE A 211 16.03 15.80 -19.90
CA PHE A 211 15.32 14.65 -20.40
C PHE A 211 16.06 13.74 -21.40
N PRO A 212 17.27 13.27 -21.06
CA PRO A 212 17.87 12.39 -22.11
C PRO A 212 17.19 11.03 -22.33
N ASP A 213 17.40 10.44 -23.50
CA ASP A 213 16.96 9.08 -23.75
C ASP A 213 17.43 8.11 -22.69
N LEU A 214 16.58 7.13 -22.40
CA LEU A 214 16.95 6.00 -21.54
C LEU A 214 17.68 4.98 -22.39
N SER A 215 18.73 4.39 -21.83
CA SER A 215 19.49 3.35 -22.49
C SER A 215 18.58 2.12 -22.55
N GLN A 216 19.03 1.03 -23.19
CA GLN A 216 18.20 -0.17 -23.27
C GLN A 216 17.95 -0.72 -21.90
N GLN A 217 18.98 -0.71 -21.07
CA GLN A 217 18.91 -1.19 -19.73
C GLN A 217 17.91 -0.39 -18.89
N GLN A 218 18.02 0.95 -18.97
CA GLN A 218 17.18 1.89 -18.23
C GLN A 218 15.71 1.77 -18.62
N LEU A 219 15.44 1.48 -19.88
CA LEU A 219 14.10 1.26 -20.36
C LEU A 219 13.40 0.05 -19.69
N LYS A 220 14.17 -0.98 -19.36
CA LYS A 220 13.63 -2.17 -18.74
C LYS A 220 13.34 -2.01 -17.23
N ASN A 221 13.87 -0.94 -16.64
N ASN A 221 13.84 -0.93 -16.65
CA ASN A 221 13.57 -0.54 -15.24
CA ASN A 221 13.53 -0.58 -15.28
C ASN A 221 13.48 0.96 -15.18
C ASN A 221 13.47 0.93 -15.17
N PHE A 222 12.57 1.51 -15.97
CA PHE A 222 12.43 2.92 -15.99
C PHE A 222 11.86 3.44 -14.66
N ALA A 223 11.09 2.64 -13.91
CA ALA A 223 10.51 3.17 -12.61
C ALA A 223 11.63 3.67 -11.72
N GLU A 224 12.74 2.91 -11.68
CA GLU A 224 13.89 3.38 -10.93
C GLU A 224 14.46 4.67 -11.46
N GLU A 225 14.59 4.76 -12.80
CA GLU A 225 15.21 5.96 -13.43
C GLU A 225 14.44 7.21 -13.09
N TYR A 226 13.12 7.10 -12.98
CA TYR A 226 12.30 8.27 -12.67
C TYR A 226 12.46 8.73 -11.20
N THR A 227 13.16 7.95 -10.39
CA THR A 227 13.49 8.37 -9.00
C THR A 227 14.86 9.05 -8.87
N LYS A 228 15.53 9.31 -10.00
CA LYS A 228 16.91 9.72 -9.92
C LYS A 228 17.03 11.19 -10.12
N GLY A 229 15.96 11.95 -9.92
CA GLY A 229 16.01 13.43 -10.05
C GLY A 229 16.97 14.08 -9.05
N PRO A 230 17.79 15.05 -9.48
CA PRO A 230 18.86 15.51 -8.58
C PRO A 230 18.39 16.38 -7.46
N LYS A 231 17.16 16.86 -7.50
CA LYS A 231 16.69 17.76 -6.40
C LYS A 231 15.59 17.15 -5.53
N ILE A 232 15.36 15.83 -5.58
CA ILE A 232 14.20 15.25 -4.86
C ILE A 232 14.32 15.51 -3.34
N HIS A 233 15.51 15.30 -2.78
CA HIS A 233 15.65 15.59 -1.33
C HIS A 233 15.62 17.05 -0.95
N ASP A 234 16.14 17.93 -1.84
CA ASP A 234 15.97 19.40 -1.66
C ASP A 234 14.49 19.69 -1.58
N TYR A 235 13.68 19.10 -2.46
CA TYR A 235 12.24 19.44 -2.45
C TYR A 235 11.52 18.88 -1.26
N VAL A 236 11.77 17.59 -0.94
CA VAL A 236 11.11 17.00 0.27
C VAL A 236 11.47 17.77 1.58
N ASN A 237 12.75 18.09 1.74
CA ASN A 237 13.19 18.84 2.92
C ASN A 237 12.60 20.27 2.93
N GLU A 238 12.46 20.91 1.76
CA GLU A 238 11.89 22.24 1.73
C GLU A 238 10.43 22.15 2.17
N MET A 239 9.73 21.14 1.67
CA MET A 239 8.35 20.91 2.07
C MET A 239 8.26 20.66 3.60
N ASN A 240 9.24 19.93 4.13
CA ASN A 240 9.25 19.69 5.60
C ASN A 240 9.43 21.03 6.34
N ARG A 241 10.41 21.82 5.88
CA ARG A 241 10.76 23.09 6.57
C ARG A 241 9.62 24.07 6.47
N GLU A 242 9.00 24.18 5.29
CA GLU A 242 7.95 25.21 5.07
C GLU A 242 6.57 24.80 5.52
N VAL A 243 6.31 23.49 5.56
CA VAL A 243 4.97 22.98 5.87
C VAL A 243 4.95 21.91 6.99
N LEU A 244 5.56 20.75 6.73
CA LEU A 244 5.29 19.58 7.58
C LEU A 244 5.68 19.77 9.04
N SER A 245 6.80 20.45 9.26
CA SER A 245 7.37 20.67 10.60
C SER A 245 6.56 21.71 11.39
N HIS A 246 5.62 22.44 10.75
CA HIS A 246 4.75 23.39 11.47
C HIS A 246 3.45 22.79 12.01
N TYR A 247 3.19 21.52 11.71
CA TYR A 247 2.01 20.82 12.22
C TYR A 247 2.46 19.62 13.03
N ASP A 248 1.53 18.87 13.63
CA ASP A 248 1.91 17.71 14.45
C ASP A 248 1.35 16.49 13.68
N ILE A 249 2.12 15.88 12.76
CA ILE A 249 1.54 14.85 11.85
C ILE A 249 2.55 13.73 11.66
N ALA A 250 2.08 12.61 11.16
CA ALA A 250 2.96 11.55 10.70
C ALA A 250 2.92 11.55 9.20
N THR A 251 4.07 11.46 8.55
CA THR A 251 4.10 11.51 7.09
C THR A 251 4.69 10.20 6.57
N ALA A 252 4.03 9.62 5.56
CA ALA A 252 4.51 8.35 4.99
C ALA A 252 4.93 8.66 3.55
N GLY A 253 6.02 8.08 3.08
CA GLY A 253 6.44 8.29 1.72
C GLY A 253 6.34 7.00 0.89
N ALA A 254 5.53 7.01 -0.16
CA ALA A 254 5.42 5.85 -1.03
C ALA A 254 6.52 6.04 -2.06
N ILE A 255 7.52 5.16 -2.02
CA ILE A 255 8.77 5.40 -2.80
C ILE A 255 8.94 4.28 -3.83
N PHE A 256 7.93 4.13 -4.65
CA PHE A 256 7.98 3.13 -5.72
C PHE A 256 9.15 3.43 -6.64
N GLY A 257 9.96 2.40 -6.93
CA GLY A 257 11.11 2.58 -7.84
C GLY A 257 12.44 2.80 -7.13
N VAL A 258 12.42 3.25 -5.88
CA VAL A 258 13.65 3.70 -5.21
C VAL A 258 14.30 2.39 -4.79
N PRO A 259 15.55 2.20 -5.19
CA PRO A 259 16.33 1.05 -4.66
C PRO A 259 16.44 1.19 -3.18
N LEU A 260 16.36 0.06 -2.49
CA LEU A 260 16.19 0.07 -1.06
C LEU A 260 17.35 0.81 -0.37
N ASP A 261 18.56 0.68 -0.92
CA ASP A 261 19.71 1.41 -0.33
C ASP A 261 19.69 2.95 -0.60
N LYS A 262 18.68 3.46 -1.32
CA LYS A 262 18.51 4.92 -1.43
C LYS A 262 17.30 5.41 -0.56
N SER A 263 16.54 4.46 -0.01
CA SER A 263 15.29 4.78 0.73
C SER A 263 15.54 5.59 1.97
N ILE A 264 16.66 5.34 2.69
CA ILE A 264 16.90 5.94 4.06
C ILE A 264 16.95 7.47 4.06
N LYS A 265 17.42 8.05 2.97
CA LYS A 265 17.49 9.50 2.89
C LYS A 265 16.12 10.17 3.02
N PHE A 266 15.08 9.45 2.61
CA PHE A 266 13.76 10.04 2.82
C PHE A 266 13.26 10.01 4.28
N PHE A 267 13.78 9.11 5.11
CA PHE A 267 13.10 8.76 6.41
C PHE A 267 14.00 8.91 7.64
N ASP A 268 15.33 9.01 7.42
CA ASP A 268 16.26 9.24 8.56
C ASP A 268 15.71 10.45 9.31
N ARG A 269 15.39 10.31 10.59
CA ARG A 269 14.81 11.49 11.30
C ARG A 269 15.72 12.72 11.28
N ARG A 270 17.01 12.52 11.17
CA ARG A 270 17.94 13.66 11.24
C ARG A 270 17.89 14.50 9.97
N ARG A 271 17.40 13.90 8.89
CA ARG A 271 17.32 14.60 7.60
C ARG A 271 16.07 15.50 7.45
N ASN A 272 15.10 15.40 8.37
CA ASN A 272 13.87 16.28 8.32
C ASN A 272 13.24 16.20 6.95
N GLU A 273 12.93 14.97 6.53
CA GLU A 273 12.11 14.74 5.36
C GLU A 273 10.79 14.11 5.82
N LEU A 274 10.66 12.77 5.74
CA LEU A 274 9.37 12.12 6.07
C LEU A 274 9.57 11.16 7.25
N ASN A 275 8.47 10.64 7.78
CA ASN A 275 8.55 9.75 8.99
C ASN A 275 8.59 8.25 8.66
N ILE A 276 7.73 7.79 7.74
CA ILE A 276 7.42 6.38 7.57
C ILE A 276 7.68 5.90 6.14
N ALA A 277 8.49 4.86 6.00
CA ALA A 277 8.75 4.28 4.66
C ALA A 277 7.70 3.28 4.18
N PHE A 278 7.06 3.56 3.03
CA PHE A 278 6.32 2.55 2.29
C PHE A 278 7.34 2.10 1.23
N THR A 279 8.03 0.99 1.47
CA THR A 279 8.86 0.35 0.45
C THR A 279 8.08 -0.78 -0.28
N PHE A 280 8.45 -1.05 -1.53
CA PHE A 280 7.70 -2.00 -2.35
C PHE A 280 8.48 -3.28 -2.64
N ASP A 281 9.67 -3.39 -2.06
CA ASP A 281 10.52 -4.57 -2.26
C ASP A 281 9.83 -5.88 -1.97
N LEU A 282 9.16 -5.95 -0.82
CA LEU A 282 8.57 -7.20 -0.42
C LEU A 282 7.33 -7.49 -1.26
N ILE A 283 6.44 -6.51 -1.38
CA ILE A 283 5.17 -6.82 -2.01
C ILE A 283 5.29 -7.09 -3.53
N ARG A 284 6.36 -6.62 -4.18
CA ARG A 284 6.62 -6.92 -5.58
C ARG A 284 7.76 -7.92 -5.75
N LEU A 285 8.05 -8.75 -4.75
CA LEU A 285 9.23 -9.63 -4.88
C LEU A 285 9.05 -10.58 -6.04
N ASP A 286 7.81 -10.96 -6.37
CA ASP A 286 7.63 -11.96 -7.43
C ASP A 286 7.16 -11.33 -8.79
N ARG A 287 7.47 -10.06 -9.04
CA ARG A 287 6.98 -9.42 -10.19
C ARG A 287 8.15 -9.22 -11.15
N ASP A 288 7.98 -9.62 -12.40
CA ASP A 288 8.93 -9.31 -13.49
C ASP A 288 9.22 -7.81 -13.59
N ALA A 289 10.50 -7.47 -13.70
CA ALA A 289 10.90 -6.05 -13.73
C ALA A 289 10.66 -5.37 -15.10
N ASP A 290 10.70 -6.17 -16.17
CA ASP A 290 10.41 -5.65 -17.52
C ASP A 290 8.93 -5.77 -17.91
N GLU A 291 8.38 -6.99 -17.85
CA GLU A 291 6.93 -7.13 -18.04
C GLU A 291 6.24 -7.01 -16.67
N ARG A 292 5.83 -5.81 -16.33
CA ARG A 292 5.48 -5.50 -14.92
CA ARG A 292 5.50 -5.50 -14.93
C ARG A 292 4.12 -6.03 -14.50
N TRP A 293 3.40 -6.67 -15.43
CA TRP A 293 2.14 -7.36 -15.17
C TRP A 293 2.36 -8.84 -14.92
N ARG A 294 3.58 -9.33 -15.19
CA ARG A 294 3.83 -10.76 -15.12
C ARG A 294 4.35 -11.19 -13.74
N ARG A 295 3.90 -12.32 -13.19
CA ARG A 295 4.53 -12.74 -11.92
C ARG A 295 5.44 -13.92 -12.20
N LYS A 296 6.36 -14.23 -11.27
CA LYS A 296 7.29 -15.37 -11.39
C LYS A 296 7.34 -16.08 -10.02
N ASP A 297 7.92 -17.26 -9.96
CA ASP A 297 7.79 -18.07 -8.71
C ASP A 297 8.65 -17.38 -7.68
N TRP A 298 8.34 -17.52 -6.40
CA TRP A 298 9.16 -16.90 -5.35
C TRP A 298 9.22 -17.94 -4.24
N THR A 299 10.16 -17.76 -3.32
CA THR A 299 10.28 -18.74 -2.22
C THR A 299 10.23 -18.01 -0.89
N LEU A 300 9.86 -18.72 0.16
CA LEU A 300 9.92 -18.15 1.54
C LEU A 300 11.30 -17.59 1.88
N SER A 301 12.40 -18.30 1.52
CA SER A 301 13.72 -17.74 1.77
CA SER A 301 13.72 -17.73 1.76
C SER A 301 13.93 -16.36 1.09
N GLN A 302 13.45 -16.19 -0.16
CA GLN A 302 13.48 -14.89 -0.89
CA GLN A 302 13.55 -14.89 -0.85
C GLN A 302 12.72 -13.82 -0.10
N PHE A 303 11.51 -14.20 0.31
CA PHE A 303 10.63 -13.32 1.04
C PHE A 303 11.29 -12.84 2.34
N ARG A 304 11.72 -13.79 3.18
CA ARG A 304 12.28 -13.38 4.48
C ARG A 304 13.58 -12.61 4.31
N LYS A 305 14.37 -12.90 3.27
CA LYS A 305 15.56 -12.07 3.08
C LYS A 305 15.24 -10.63 2.80
N ILE A 306 14.15 -10.39 2.03
CA ILE A 306 13.76 -9.02 1.80
C ILE A 306 13.24 -8.40 3.14
N VAL A 307 12.42 -9.11 3.89
CA VAL A 307 11.90 -8.52 5.21
C VAL A 307 13.14 -8.01 5.97
N ASP A 308 14.15 -8.86 6.03
CA ASP A 308 15.33 -8.53 6.87
C ASP A 308 16.14 -7.35 6.32
N LYS A 309 16.36 -7.30 5.02
CA LYS A 309 17.06 -6.15 4.40
C LYS A 309 16.26 -4.80 4.60
N VAL A 310 14.93 -4.85 4.42
CA VAL A 310 14.11 -3.65 4.69
C VAL A 310 14.26 -3.23 6.14
N ASP A 311 14.18 -4.22 7.03
CA ASP A 311 14.32 -3.94 8.48
C ASP A 311 15.68 -3.30 8.83
N GLN A 312 16.75 -3.85 8.27
CA GLN A 312 18.12 -3.36 8.54
C GLN A 312 18.32 -1.96 7.94
N THR A 313 17.81 -1.75 6.72
CA THR A 313 17.90 -0.43 6.04
C THR A 313 17.33 0.69 6.87
N ALA A 314 16.20 0.47 7.53
CA ALA A 314 15.60 1.53 8.36
C ALA A 314 16.60 1.89 9.48
N GLY A 315 17.23 0.86 10.00
CA GLY A 315 18.32 1.07 10.91
C GLY A 315 17.92 1.77 12.18
N GLU A 316 18.84 2.53 12.71
CA GLU A 316 18.55 3.29 13.93
C GLU A 316 17.70 4.53 13.70
N TYR A 317 17.79 5.18 12.53
CA TYR A 317 17.22 6.51 12.39
C TYR A 317 15.92 6.58 11.56
N GLY A 318 15.67 5.58 10.72
CA GLY A 318 14.42 5.49 9.92
C GLY A 318 13.36 4.67 10.62
N TRP A 319 12.28 4.44 9.88
CA TRP A 319 11.13 3.73 10.38
C TRP A 319 10.34 3.21 9.22
N ASN A 320 9.93 1.95 9.30
CA ASN A 320 9.17 1.27 8.21
C ASN A 320 7.67 1.21 8.50
N ALA A 321 6.85 1.26 7.45
CA ALA A 321 5.50 0.69 7.49
C ALA A 321 5.70 -0.76 7.09
N PHE A 322 4.77 -1.64 7.49
CA PHE A 322 4.84 -3.03 7.00
C PHE A 322 3.43 -3.35 6.45
N PHE A 323 3.35 -3.86 5.22
CA PHE A 323 2.03 -4.24 4.67
C PHE A 323 2.29 -5.39 3.70
N LEU A 324 1.30 -6.24 3.54
CA LEU A 324 1.44 -7.34 2.62
C LEU A 324 0.51 -7.19 1.42
N ASP A 325 -0.42 -6.24 1.45
CA ASP A 325 -1.22 -5.97 0.30
C ASP A 325 -1.71 -4.51 0.45
N ASN A 326 -2.39 -3.99 -0.57
CA ASN A 326 -2.99 -2.64 -0.54
C ASN A 326 -3.80 -2.49 -1.82
N HIS A 327 -4.20 -1.26 -2.17
CA HIS A 327 -5.09 -1.05 -3.30
C HIS A 327 -4.36 -1.20 -4.62
N ASP A 328 -3.04 -1.38 -4.62
CA ASP A 328 -2.27 -1.61 -5.86
C ASP A 328 -1.78 -3.06 -6.08
N ASN A 329 -2.22 -3.99 -5.26
CA ASN A 329 -1.64 -5.35 -5.20
C ASN A 329 -2.69 -6.41 -4.90
N PRO A 330 -2.41 -7.69 -5.29
CA PRO A 330 -3.34 -8.79 -5.01
C PRO A 330 -3.50 -8.93 -3.49
N ARG A 331 -4.57 -9.59 -3.07
CA ARG A 331 -4.82 -9.79 -1.62
C ARG A 331 -3.81 -10.77 -1.00
N ALA A 332 -3.37 -10.45 0.22
CA ALA A 332 -2.22 -11.19 0.82
C ALA A 332 -2.45 -12.68 0.94
N VAL A 333 -3.66 -13.09 1.33
CA VAL A 333 -3.87 -14.56 1.58
C VAL A 333 -3.74 -15.30 0.22
N SER A 334 -4.12 -14.65 -0.88
CA SER A 334 -3.99 -15.25 -2.20
C SER A 334 -2.54 -15.15 -2.63
N HIS A 335 -1.95 -13.99 -2.43
CA HIS A 335 -0.60 -13.77 -2.94
C HIS A 335 0.49 -14.54 -2.14
N PHE A 336 0.46 -14.45 -0.82
CA PHE A 336 1.54 -15.03 0.02
C PHE A 336 1.06 -16.24 0.80
N GLY A 337 -0.25 -16.50 0.76
CA GLY A 337 -0.83 -17.60 1.54
C GLY A 337 -1.38 -18.68 0.64
N ASP A 338 -2.34 -19.46 1.12
CA ASP A 338 -3.01 -20.44 0.28
C ASP A 338 -4.51 -20.05 0.45
N ASP A 339 -5.13 -19.55 -0.61
CA ASP A 339 -6.52 -19.09 -0.50
C ASP A 339 -7.62 -20.16 -0.75
N ARG A 340 -7.23 -21.44 -0.84
CA ARG A 340 -8.22 -22.52 -0.99
C ARG A 340 -8.97 -22.75 0.33
N PRO A 341 -10.18 -23.34 0.26
CA PRO A 341 -11.01 -23.42 1.50
C PRO A 341 -10.41 -24.13 2.70
N GLN A 342 -9.62 -25.17 2.46
CA GLN A 342 -9.01 -25.93 3.56
C GLN A 342 -7.99 -25.07 4.35
N TRP A 343 -7.34 -24.10 3.67
CA TRP A 343 -6.25 -23.35 4.25
C TRP A 343 -6.44 -21.86 4.45
N ARG A 344 -7.43 -21.26 3.80
CA ARG A 344 -7.48 -19.80 3.75
C ARG A 344 -7.46 -19.19 5.15
N GLU A 345 -8.31 -19.68 6.06
CA GLU A 345 -8.40 -19.03 7.37
C GLU A 345 -7.10 -19.21 8.19
N HIS A 346 -6.52 -20.41 8.17
CA HIS A 346 -5.19 -20.56 8.80
C HIS A 346 -4.08 -19.69 8.21
N ALA A 347 -3.97 -19.62 6.88
CA ALA A 347 -2.98 -18.79 6.24
C ALA A 347 -3.24 -17.33 6.53
N ALA A 348 -4.52 -16.91 6.55
CA ALA A 348 -4.80 -15.49 6.83
C ALA A 348 -4.34 -15.11 8.24
N LYS A 349 -4.62 -15.97 9.21
CA LYS A 349 -4.17 -15.76 10.59
C LYS A 349 -2.67 -15.82 10.69
N ALA A 350 -2.03 -16.66 9.85
CA ALA A 350 -0.54 -16.77 9.80
C ALA A 350 0.04 -15.43 9.35
N LEU A 351 -0.53 -14.85 8.30
CA LEU A 351 0.02 -13.62 7.76
C LEU A 351 -0.32 -12.45 8.68
N ALA A 352 -1.47 -12.48 9.35
CA ALA A 352 -1.77 -11.42 10.34
C ALA A 352 -0.70 -11.47 11.43
N THR A 353 -0.37 -12.67 11.89
CA THR A 353 0.66 -12.81 12.97
C THR A 353 1.98 -12.18 12.50
N LEU A 354 2.38 -12.51 11.27
CA LEU A 354 3.58 -11.94 10.69
C LEU A 354 3.49 -10.41 10.73
N THR A 355 2.42 -9.84 10.14
CA THR A 355 2.24 -8.41 10.01
C THR A 355 2.32 -7.69 11.38
N LEU A 356 1.66 -8.28 12.38
CA LEU A 356 1.46 -7.60 13.66
C LEU A 356 2.62 -7.85 14.61
N THR A 357 3.70 -8.48 14.10
CA THR A 357 4.93 -8.70 14.89
C THR A 357 6.18 -8.23 14.17
N GLN A 358 6.03 -7.17 13.35
CA GLN A 358 7.13 -6.51 12.66
C GLN A 358 7.52 -5.23 13.39
N ARG A 359 8.80 -4.89 13.27
CA ARG A 359 9.36 -3.71 13.87
C ARG A 359 9.07 -2.58 12.89
N ALA A 360 7.81 -2.11 12.90
CA ALA A 360 7.33 -1.26 11.81
C ALA A 360 5.92 -0.87 12.19
N THR A 361 5.35 0.13 11.50
CA THR A 361 3.93 0.45 11.68
C THR A 361 3.14 -0.43 10.70
N PRO A 362 2.36 -1.38 11.23
CA PRO A 362 1.58 -2.21 10.33
C PRO A 362 0.39 -1.47 9.75
N PHE A 363 0.08 -1.81 8.51
CA PHE A 363 -1.09 -1.26 7.78
C PHE A 363 -1.94 -2.44 7.34
N ILE A 364 -3.21 -2.49 7.82
CA ILE A 364 -4.13 -3.61 7.49
C ILE A 364 -5.01 -3.07 6.40
N TYR A 365 -5.04 -3.75 5.24
CA TYR A 365 -5.84 -3.17 4.13
C TYR A 365 -7.26 -3.72 4.26
N GLN A 366 -8.26 -2.88 3.98
CA GLN A 366 -9.67 -3.30 4.19
C GLN A 366 -9.99 -4.67 3.63
N GLY A 367 -10.66 -5.52 4.44
CA GLY A 367 -11.01 -6.91 4.00
C GLY A 367 -9.98 -7.97 4.34
N SER A 368 -8.70 -7.58 4.48
CA SER A 368 -7.71 -8.57 4.85
C SER A 368 -8.03 -9.18 6.22
N GLU A 369 -8.65 -8.37 7.10
CA GLU A 369 -9.01 -8.85 8.46
C GLU A 369 -10.13 -9.94 8.40
N LEU A 370 -10.69 -10.16 7.20
CA LEU A 370 -11.71 -11.21 7.01
C LEU A 370 -11.12 -12.35 6.23
N GLY A 371 -9.88 -12.19 5.72
CA GLY A 371 -9.33 -13.25 4.82
C GLY A 371 -9.97 -13.15 3.45
N MET A 372 -10.38 -11.95 3.05
CA MET A 372 -10.77 -11.77 1.63
C MET A 372 -9.66 -12.22 0.63
N THR A 373 -10.08 -12.67 -0.56
CA THR A 373 -9.15 -13.27 -1.54
C THR A 373 -9.14 -12.50 -2.85
N ASN A 374 -8.25 -12.88 -3.77
CA ASN A 374 -8.28 -12.40 -5.15
C ASN A 374 -9.65 -12.72 -5.75
N TYR A 375 -9.96 -12.07 -6.85
CA TYR A 375 -11.29 -12.25 -7.45
C TYR A 375 -11.14 -13.03 -8.77
N PRO A 376 -12.12 -13.89 -9.10
CA PRO A 376 -11.92 -14.78 -10.26
C PRO A 376 -12.20 -14.08 -11.62
N PHE A 377 -11.36 -13.12 -12.02
CA PHE A 377 -11.58 -12.42 -13.30
C PHE A 377 -11.41 -13.45 -14.44
N LYS A 378 -12.25 -13.37 -15.47
CA LYS A 378 -12.12 -14.32 -16.58
C LYS A 378 -11.69 -13.64 -17.87
N LYS A 379 -12.39 -12.58 -18.23
CA LYS A 379 -12.19 -11.90 -19.50
C LYS A 379 -11.58 -10.53 -19.27
N ILE A 380 -10.92 -9.95 -20.28
CA ILE A 380 -10.32 -8.63 -20.11
C ILE A 380 -11.35 -7.54 -19.68
N ASP A 381 -12.58 -7.68 -20.16
CA ASP A 381 -13.58 -6.69 -19.80
C ASP A 381 -14.09 -6.82 -18.38
N ASP A 382 -13.67 -7.87 -17.68
CA ASP A 382 -14.07 -8.01 -16.27
C ASP A 382 -13.24 -7.05 -15.37
N PHE A 383 -12.10 -6.56 -15.89
CA PHE A 383 -11.27 -5.56 -15.17
C PHE A 383 -11.75 -4.13 -15.44
N ASP A 384 -11.56 -3.25 -14.48
CA ASP A 384 -11.86 -1.82 -14.58
C ASP A 384 -10.56 -1.01 -14.77
N ASP A 385 -9.46 -1.46 -14.15
CA ASP A 385 -8.29 -0.61 -13.90
C ASP A 385 -7.64 -0.07 -15.15
N VAL A 386 -7.44 1.24 -15.22
CA VAL A 386 -6.69 1.82 -16.38
C VAL A 386 -5.33 1.13 -16.60
N GLU A 387 -4.63 0.74 -15.52
CA GLU A 387 -3.30 0.17 -15.68
C GLU A 387 -3.34 -1.15 -16.51
N VAL A 388 -4.32 -2.00 -16.21
CA VAL A 388 -4.42 -3.29 -16.88
C VAL A 388 -4.80 -3.14 -18.37
N LYS A 389 -5.61 -2.12 -18.68
CA LYS A 389 -5.93 -1.82 -20.08
C LYS A 389 -4.68 -1.33 -20.81
N GLY A 390 -3.85 -0.49 -20.15
CA GLY A 390 -2.53 -0.09 -20.72
C GLY A 390 -1.64 -1.31 -21.01
N PHE A 391 -1.52 -2.27 -20.05
CA PHE A 391 -0.72 -3.49 -20.28
C PHE A 391 -1.28 -4.34 -21.47
N TRP A 392 -2.58 -4.49 -21.48
CA TRP A 392 -3.27 -5.23 -22.56
C TRP A 392 -2.95 -4.60 -23.89
N GLN A 393 -3.09 -3.29 -23.98
CA GLN A 393 -2.69 -2.57 -25.24
C GLN A 393 -1.24 -2.71 -25.66
N ASP A 394 -0.32 -2.57 -24.69
CA ASP A 394 1.11 -2.75 -24.98
C ASP A 394 1.59 -4.13 -25.34
N TYR A 395 0.99 -5.16 -24.74
CA TYR A 395 1.55 -6.50 -24.86
C TYR A 395 0.66 -7.46 -25.65
N VAL A 396 -0.65 -7.33 -25.48
CA VAL A 396 -1.58 -8.26 -26.16
C VAL A 396 -2.02 -7.73 -27.52
N GLU A 397 -2.44 -6.47 -27.61
CA GLU A 397 -2.91 -5.92 -28.89
C GLU A 397 -1.76 -5.72 -29.91
N THR A 398 -0.52 -5.60 -29.44
CA THR A 398 0.65 -5.65 -30.31
C THR A 398 1.03 -7.10 -30.70
N GLY A 399 0.27 -8.07 -30.24
CA GLY A 399 0.60 -9.49 -30.52
C GLY A 399 1.88 -9.99 -29.85
N LYS A 400 2.45 -9.25 -28.92
CA LYS A 400 3.68 -9.75 -28.22
C LYS A 400 3.35 -10.90 -27.25
N VAL A 401 2.17 -10.86 -26.60
CA VAL A 401 1.83 -11.92 -25.64
C VAL A 401 0.42 -12.39 -25.99
N LYS A 402 0.21 -13.70 -25.98
CA LYS A 402 -1.13 -14.27 -26.15
C LYS A 402 -2.10 -13.77 -25.07
N ALA A 403 -3.33 -13.43 -25.46
CA ALA A 403 -4.35 -12.95 -24.51
C ALA A 403 -4.47 -13.89 -23.33
N GLU A 404 -4.53 -15.20 -23.59
CA GLU A 404 -4.74 -16.13 -22.49
C GLU A 404 -3.57 -16.13 -21.47
N GLU A 405 -2.33 -16.09 -21.95
CA GLU A 405 -1.20 -16.09 -21.01
C GLU A 405 -1.16 -14.77 -20.21
N PHE A 406 -1.46 -13.67 -20.91
CA PHE A 406 -1.61 -12.36 -20.23
C PHE A 406 -2.63 -12.44 -19.06
N LEU A 407 -3.82 -12.95 -19.35
CA LEU A 407 -4.88 -13.08 -18.37
C LEU A 407 -4.49 -14.00 -17.21
N GLN A 408 -3.80 -15.12 -17.47
CA GLN A 408 -3.36 -16.02 -16.41
C GLN A 408 -2.49 -15.23 -15.41
N ASN A 409 -1.63 -14.36 -15.92
CA ASN A 409 -0.85 -13.49 -15.05
C ASN A 409 -1.63 -12.37 -14.36
N VAL A 410 -2.41 -11.57 -15.12
CA VAL A 410 -3.09 -10.41 -14.49
C VAL A 410 -4.18 -10.91 -13.59
N ARG A 411 -4.71 -12.13 -13.80
CA ARG A 411 -5.58 -12.66 -12.75
C ARG A 411 -4.89 -12.67 -11.38
N GLN A 412 -3.60 -12.92 -11.38
CA GLN A 412 -2.85 -13.01 -10.11
C GLN A 412 -2.33 -11.65 -9.72
N THR A 413 -2.00 -10.82 -10.71
CA THR A 413 -1.31 -9.57 -10.33
C THR A 413 -2.15 -8.29 -10.30
N SER A 414 -3.37 -8.31 -10.82
CA SER A 414 -4.05 -7.03 -11.06
C SER A 414 -4.38 -6.29 -9.76
N ARG A 415 -4.30 -4.95 -9.80
CA ARG A 415 -4.76 -4.07 -8.72
C ARG A 415 -6.25 -4.27 -8.38
N ASP A 416 -7.05 -4.68 -9.36
CA ASP A 416 -8.51 -4.82 -9.16
C ASP A 416 -8.80 -6.00 -8.25
N ASN A 417 -7.87 -6.94 -8.09
CA ASN A 417 -8.04 -7.93 -7.01
C ASN A 417 -8.28 -7.36 -5.58
N SER A 418 -7.78 -6.18 -5.29
CA SER A 418 -7.98 -5.65 -4.02
CA SER A 418 -7.97 -5.58 -3.97
C SER A 418 -9.06 -4.58 -3.93
N ARG A 419 -9.66 -4.36 -5.08
CA ARG A 419 -10.74 -3.35 -5.23
C ARG A 419 -12.18 -3.86 -5.30
N THR A 420 -12.39 -5.16 -5.24
CA THR A 420 -13.75 -5.67 -5.19
C THR A 420 -14.40 -5.22 -3.87
N PRO A 421 -15.72 -4.95 -3.87
CA PRO A 421 -16.25 -4.30 -2.64
C PRO A 421 -16.09 -5.16 -1.36
N PHE A 422 -15.98 -4.47 -0.23
CA PHE A 422 -15.84 -5.07 1.09
C PHE A 422 -17.06 -5.94 1.37
N GLN A 423 -16.85 -7.12 1.96
CA GLN A 423 -17.91 -8.07 2.12
C GLN A 423 -18.48 -7.97 3.52
N TRP A 424 -19.43 -7.05 3.70
CA TRP A 424 -20.05 -6.82 5.02
C TRP A 424 -20.81 -7.96 5.60
N ASP A 425 -21.64 -8.58 4.80
CA ASP A 425 -22.46 -9.63 5.37
C ASP A 425 -22.88 -10.62 4.29
N ALA A 426 -23.85 -11.50 4.60
CA ALA A 426 -24.24 -12.54 3.66
C ALA A 426 -25.44 -12.12 2.76
N SER A 427 -25.89 -10.87 2.86
CA SER A 427 -27.08 -10.45 2.07
C SER A 427 -26.70 -10.13 0.62
N LYS A 428 -27.65 -9.69 -0.22
CA LYS A 428 -27.36 -9.36 -1.60
C LYS A 428 -26.20 -8.35 -1.70
N ASN A 429 -25.29 -8.65 -2.61
CA ASN A 429 -24.07 -7.85 -2.80
C ASN A 429 -23.29 -7.61 -1.49
N ALA A 430 -23.35 -8.64 -0.63
CA ALA A 430 -22.61 -8.69 0.63
C ALA A 430 -22.92 -7.47 1.53
N GLY A 431 -24.08 -6.86 1.28
CA GLY A 431 -24.52 -5.65 2.05
C GLY A 431 -23.67 -4.43 1.78
N PHE A 432 -22.84 -4.48 0.72
CA PHE A 432 -22.04 -3.32 0.36
C PHE A 432 -22.91 -2.14 -0.22
N THR A 433 -24.02 -2.48 -0.91
CA THR A 433 -24.78 -1.49 -1.68
C THR A 433 -26.19 -2.01 -1.83
N SER A 434 -27.16 -1.10 -1.84
CA SER A 434 -28.56 -1.45 -2.21
C SER A 434 -28.70 -1.41 -3.74
N GLY A 435 -27.68 -0.93 -4.45
CA GLY A 435 -27.78 -0.88 -5.90
C GLY A 435 -26.93 -1.90 -6.59
N THR A 436 -26.26 -1.50 -7.67
CA THR A 436 -25.35 -2.41 -8.40
C THR A 436 -23.89 -1.96 -8.18
N PRO A 437 -23.07 -2.83 -7.58
CA PRO A 437 -21.70 -2.36 -7.24
C PRO A 437 -20.90 -2.01 -8.49
N TRP A 438 -20.04 -1.00 -8.36
CA TRP A 438 -19.24 -0.55 -9.49
C TRP A 438 -18.31 -1.58 -10.01
N LEU A 439 -17.89 -2.51 -9.14
CA LEU A 439 -17.09 -3.64 -9.58
C LEU A 439 -17.67 -4.90 -8.92
N LYS A 440 -17.81 -6.00 -9.66
CA LYS A 440 -18.63 -7.10 -9.10
C LYS A 440 -18.01 -7.68 -7.80
N ILE A 441 -18.87 -8.15 -6.89
CA ILE A 441 -18.44 -8.66 -5.57
C ILE A 441 -18.02 -10.11 -5.77
N ASN A 442 -16.98 -10.57 -5.07
CA ASN A 442 -16.58 -11.95 -5.14
C ASN A 442 -17.72 -12.86 -4.64
N PRO A 443 -18.11 -13.93 -5.40
CA PRO A 443 -19.13 -14.89 -4.96
C PRO A 443 -18.80 -15.57 -3.61
N ASN A 444 -17.54 -15.51 -3.19
CA ASN A 444 -17.18 -16.09 -1.89
C ASN A 444 -17.66 -15.26 -0.71
N TYR A 445 -18.32 -14.13 -0.96
CA TYR A 445 -18.85 -13.35 0.18
C TYR A 445 -19.81 -14.18 1.06
N LYS A 446 -20.44 -15.24 0.49
CA LYS A 446 -21.36 -16.09 1.33
C LYS A 446 -20.58 -16.79 2.43
N GLU A 447 -19.31 -17.05 2.18
CA GLU A 447 -18.46 -17.74 3.15
C GLU A 447 -17.56 -16.72 3.88
N ILE A 448 -17.30 -15.57 3.23
CA ILE A 448 -16.31 -14.61 3.81
C ILE A 448 -16.99 -13.28 3.98
N ASN A 449 -17.44 -12.95 5.20
CA ASN A 449 -18.05 -11.67 5.43
C ASN A 449 -17.96 -11.31 6.91
N SER A 450 -18.01 -10.01 7.18
CA SER A 450 -17.77 -9.54 8.52
C SER A 450 -18.85 -10.01 9.52
N ALA A 451 -20.11 -10.13 9.07
CA ALA A 451 -21.18 -10.49 10.01
C ALA A 451 -20.97 -11.91 10.53
N ASP A 452 -20.42 -12.79 9.68
CA ASP A 452 -20.18 -14.16 10.08
C ASP A 452 -18.95 -14.25 11.02
N GLN A 453 -18.18 -13.18 11.19
CA GLN A 453 -16.90 -13.30 11.85
C GLN A 453 -16.86 -12.51 13.15
N ILE A 454 -17.58 -11.39 13.19
CA ILE A 454 -17.35 -10.43 14.28
C ILE A 454 -17.65 -11.02 15.65
N ASN A 455 -18.60 -11.94 15.72
CA ASN A 455 -18.94 -12.57 17.02
C ASN A 455 -18.47 -14.01 17.09
N ASN A 456 -17.78 -14.49 16.08
CA ASN A 456 -17.21 -15.88 16.18
C ASN A 456 -15.78 -15.75 16.74
N PRO A 457 -15.55 -16.26 17.96
CA PRO A 457 -14.25 -16.06 18.61
C PRO A 457 -13.12 -16.73 17.81
N ASN A 458 -13.44 -17.70 16.98
CA ASN A 458 -12.41 -18.34 16.16
C ASN A 458 -12.18 -17.69 14.77
N SER A 459 -12.81 -16.54 14.49
CA SER A 459 -12.75 -15.96 13.17
C SER A 459 -11.43 -15.31 12.88
N VAL A 460 -11.18 -15.10 11.59
CA VAL A 460 -9.97 -14.32 11.19
C VAL A 460 -10.05 -12.92 11.82
N PHE A 461 -11.24 -12.32 11.75
CA PHE A 461 -11.40 -11.00 12.35
C PHE A 461 -10.99 -10.94 13.82
N ASN A 462 -11.47 -11.89 14.62
CA ASN A 462 -11.14 -11.86 16.05
C ASN A 462 -9.73 -12.32 16.35
N TYR A 463 -9.08 -13.02 15.40
CA TYR A 463 -7.65 -13.30 15.58
C TYR A 463 -6.83 -12.05 15.32
N TYR A 464 -7.19 -11.26 14.28
CA TYR A 464 -6.59 -9.93 14.13
C TYR A 464 -6.83 -9.10 15.41
N ARG A 465 -8.05 -9.12 15.94
CA ARG A 465 -8.34 -8.30 17.11
C ARG A 465 -7.45 -8.73 18.31
N LYS A 466 -7.30 -10.03 18.47
CA LYS A 466 -6.46 -10.58 19.56
C LYS A 466 -4.97 -10.17 19.36
N LEU A 467 -4.49 -10.28 18.11
CA LEU A 467 -3.07 -9.90 17.80
C LEU A 467 -2.81 -8.44 18.04
N ILE A 468 -3.78 -7.59 17.69
CA ILE A 468 -3.61 -6.16 17.91
C ILE A 468 -3.54 -5.90 19.42
N ASN A 469 -4.38 -6.55 20.21
CA ASN A 469 -4.31 -6.38 21.69
C ASN A 469 -3.01 -6.90 22.24
N ILE A 470 -2.56 -8.02 21.67
CA ILE A 470 -1.21 -8.56 22.05
C ILE A 470 -0.06 -7.59 21.80
N ARG A 471 -0.03 -7.08 20.60
CA ARG A 471 1.02 -6.15 20.18
C ARG A 471 1.02 -4.92 21.08
N HIS A 472 -0.18 -4.39 21.38
CA HIS A 472 -0.24 -3.20 22.27
C HIS A 472 0.25 -3.53 23.69
N ASP A 473 0.08 -4.77 24.15
CA ASP A 473 0.46 -5.20 25.45
CA ASP A 473 0.47 -5.18 25.50
C ASP A 473 1.96 -5.48 25.65
N ILE A 474 2.63 -5.80 24.57
CA ILE A 474 4.05 -6.28 24.56
C ILE A 474 5.02 -5.31 23.78
N PRO A 475 5.73 -4.39 24.51
CA PRO A 475 6.50 -3.37 23.77
C PRO A 475 7.52 -3.99 22.80
N ALA A 476 8.07 -5.19 23.09
CA ALA A 476 9.08 -5.80 22.23
C ALA A 476 8.47 -6.09 20.84
N LEU A 477 7.18 -6.32 20.77
CA LEU A 477 6.54 -6.58 19.42
C LEU A 477 6.47 -5.34 18.51
N THR A 478 6.66 -4.15 19.08
CA THR A 478 6.72 -2.91 18.31
C THR A 478 8.20 -2.51 18.11
N TYR A 479 8.90 -2.27 19.21
CA TYR A 479 10.29 -1.76 19.21
C TYR A 479 11.42 -2.75 19.27
N GLY A 480 11.15 -4.01 19.61
CA GLY A 480 12.21 -4.96 19.78
C GLY A 480 13.01 -5.14 18.47
N SER A 481 14.30 -5.49 18.59
CA SER A 481 15.07 -5.70 17.35
C SER A 481 14.63 -7.03 16.72
N TYR A 482 14.89 -7.17 15.44
CA TYR A 482 14.39 -8.32 14.66
C TYR A 482 15.57 -9.18 14.26
N ILE A 483 15.50 -10.47 14.55
CA ILE A 483 16.50 -11.39 14.07
C ILE A 483 15.86 -12.59 13.42
N ASP A 484 16.21 -12.87 12.16
CA ASP A 484 15.69 -14.07 11.48
C ASP A 484 16.56 -15.27 11.90
N LEU A 485 15.96 -16.32 12.49
CA LEU A 485 16.73 -17.50 12.95
C LEU A 485 17.41 -18.28 11.82
N ASP A 486 16.81 -18.29 10.63
CA ASP A 486 17.43 -18.95 9.46
C ASP A 486 16.92 -18.37 8.11
N PRO A 487 17.56 -17.32 7.59
CA PRO A 487 17.14 -16.73 6.29
C PRO A 487 17.05 -17.69 5.08
N ASP A 488 17.65 -18.90 5.15
CA ASP A 488 17.58 -19.88 4.05
C ASP A 488 16.54 -20.95 4.15
N ASN A 489 15.78 -20.97 5.24
CA ASN A 489 14.75 -22.03 5.43
C ASN A 489 13.50 -21.65 4.57
N ASN A 490 13.05 -22.58 3.74
CA ASN A 490 11.94 -22.35 2.84
C ASN A 490 10.66 -22.90 3.39
N SER A 491 10.70 -23.43 4.60
CA SER A 491 9.49 -24.01 5.22
C SER A 491 8.90 -23.30 6.43
N VAL A 492 9.75 -23.01 7.39
CA VAL A 492 9.35 -22.47 8.69
C VAL A 492 9.98 -21.10 8.83
N TYR A 493 9.14 -20.07 9.01
CA TYR A 493 9.60 -18.73 9.16
C TYR A 493 9.62 -18.50 10.63
N ALA A 494 10.81 -18.24 11.19
CA ALA A 494 11.00 -18.08 12.63
C ALA A 494 11.94 -16.92 12.87
N TYR A 495 11.55 -15.99 13.75
CA TYR A 495 12.36 -14.86 14.05
C TYR A 495 12.08 -14.40 15.49
N THR A 496 13.02 -13.62 16.05
CA THR A 496 12.81 -13.10 17.40
C THR A 496 12.65 -11.59 17.38
N ARG A 497 11.96 -11.07 18.40
CA ARG A 497 11.86 -9.63 18.65
C ARG A 497 12.32 -9.42 20.10
N THR A 498 13.31 -8.55 20.32
CA THR A 498 14.04 -8.54 21.61
C THR A 498 14.14 -7.13 22.11
N LEU A 499 13.75 -6.90 23.35
CA LEU A 499 14.10 -5.62 24.02
C LEU A 499 14.74 -5.97 25.39
N GLY A 500 16.06 -5.79 25.49
CA GLY A 500 16.79 -6.16 26.68
C GLY A 500 16.60 -7.63 26.94
N ALA A 501 16.14 -7.94 28.15
CA ALA A 501 15.88 -9.35 28.58
C ALA A 501 14.58 -9.98 28.03
N GLU A 502 13.72 -9.18 27.39
CA GLU A 502 12.39 -9.63 27.00
C GLU A 502 12.51 -10.11 25.55
N LYS A 503 12.33 -11.41 25.33
CA LYS A 503 12.62 -11.97 24.03
C LYS A 503 11.46 -12.84 23.60
N TYR A 504 10.96 -12.57 22.40
CA TYR A 504 9.79 -13.23 21.89
C TYR A 504 10.13 -13.93 20.54
N LEU A 505 9.43 -15.04 20.28
CA LEU A 505 9.72 -15.83 19.11
C LEU A 505 8.45 -15.90 18.30
N VAL A 506 8.54 -15.68 16.99
CA VAL A 506 7.35 -15.88 16.11
C VAL A 506 7.68 -17.05 15.23
N VAL A 507 6.74 -17.97 15.03
CA VAL A 507 7.02 -19.18 14.21
C VAL A 507 5.82 -19.43 13.31
N ILE A 508 6.07 -19.45 11.99
CA ILE A 508 4.97 -19.73 11.06
C ILE A 508 5.38 -20.84 10.11
N ASN A 509 4.54 -21.86 10.04
CA ASN A 509 4.78 -23.01 9.14
C ASN A 509 4.15 -22.69 7.80
N PHE A 510 4.97 -22.40 6.78
CA PHE A 510 4.45 -22.03 5.48
C PHE A 510 4.10 -23.28 4.66
N LYS A 511 4.37 -24.46 5.20
CA LYS A 511 4.12 -25.75 4.50
C LYS A 511 2.74 -26.29 4.82
N GLU A 512 2.20 -27.05 3.87
CA GLU A 512 0.95 -27.75 4.06
C GLU A 512 1.10 -29.17 4.61
N GLU A 513 2.23 -29.42 5.28
CA GLU A 513 2.44 -30.64 6.06
C GLU A 513 2.94 -30.27 7.44
N VAL A 514 2.82 -31.23 8.37
CA VAL A 514 3.40 -31.08 9.73
C VAL A 514 4.88 -30.91 9.57
N MET A 515 5.47 -29.92 10.25
CA MET A 515 6.89 -29.67 10.29
C MET A 515 7.34 -29.69 11.76
N HIS A 516 8.35 -30.48 12.08
CA HIS A 516 8.98 -30.41 13.41
C HIS A 516 10.05 -29.38 13.32
N TYR A 517 10.20 -28.54 14.33
CA TYR A 517 11.15 -27.49 14.25
C TYR A 517 11.83 -27.33 15.59
N THR A 518 13.12 -27.67 15.63
CA THR A 518 13.95 -27.53 16.83
C THR A 518 14.59 -26.18 16.87
N LEU A 519 14.43 -25.47 18.01
CA LEU A 519 15.02 -24.15 18.22
C LEU A 519 16.56 -24.20 18.25
N PRO A 520 17.21 -23.13 17.78
CA PRO A 520 18.64 -23.14 17.75
C PRO A 520 19.24 -22.77 19.11
N GLY A 521 20.52 -23.13 19.24
CA GLY A 521 21.33 -22.72 20.42
C GLY A 521 20.61 -23.15 21.68
N ASP A 522 20.49 -22.22 22.61
CA ASP A 522 19.95 -22.56 23.89
C ASP A 522 18.51 -22.07 24.06
N LEU A 523 17.88 -21.63 22.97
CA LEU A 523 16.52 -21.09 23.08
C LEU A 523 15.50 -22.13 23.58
N SER A 524 14.65 -21.75 24.55
CA SER A 524 13.53 -22.59 25.00
C SER A 524 12.36 -21.68 25.38
N ILE A 525 11.19 -22.28 25.42
CA ILE A 525 9.93 -21.57 25.54
C ILE A 525 9.55 -21.33 27.02
N ASN A 526 9.28 -20.05 27.30
CA ASN A 526 8.80 -19.66 28.62
C ASN A 526 7.27 -19.63 28.66
N LYS A 527 6.62 -19.05 27.62
CA LYS A 527 5.17 -19.01 27.59
C LYS A 527 4.70 -19.05 26.16
N VAL A 528 3.49 -19.57 25.99
CA VAL A 528 2.79 -19.39 24.74
C VAL A 528 1.97 -18.11 24.79
N ILE A 529 2.20 -17.19 23.88
CA ILE A 529 1.41 -15.95 23.83
C ILE A 529 0.13 -16.15 23.00
N THR A 530 0.24 -16.71 21.78
CA THR A 530 -0.96 -17.14 21.09
C THR A 530 -0.47 -18.14 20.04
N GLU A 531 -1.37 -18.99 19.56
CA GLU A 531 -1.16 -19.91 18.45
C GLU A 531 -2.46 -20.00 17.66
N ASN A 532 -2.33 -20.27 16.37
CA ASN A 532 -3.47 -20.72 15.59
C ASN A 532 -3.14 -22.07 14.91
N ASN A 533 -4.09 -22.99 14.96
CA ASN A 533 -3.95 -24.34 14.36
C ASN A 533 -2.94 -25.22 15.10
N SER A 534 -2.85 -25.02 16.42
CA SER A 534 -2.01 -25.80 17.34
C SER A 534 -2.72 -27.11 17.67
N HIS A 535 -1.96 -28.19 17.73
CA HIS A 535 -2.47 -29.48 18.13
C HIS A 535 -1.56 -30.01 19.22
N THR A 536 -0.25 -29.79 19.14
CA THR A 536 0.63 -30.31 20.20
C THR A 536 0.87 -29.23 21.25
N ILE A 537 0.59 -29.52 22.53
CA ILE A 537 0.75 -28.53 23.61
C ILE A 537 2.21 -28.16 23.75
N VAL A 538 2.47 -26.93 24.18
CA VAL A 538 3.81 -26.44 24.41
C VAL A 538 3.93 -26.24 25.92
N ASN A 539 4.94 -26.87 26.53
CA ASN A 539 5.18 -26.76 27.97
C ASN A 539 6.45 -25.97 28.19
N LYS A 540 6.58 -25.49 29.43
CA LYS A 540 7.71 -24.76 29.94
C LYS A 540 9.04 -25.42 29.51
N ASN A 541 9.98 -24.63 29.01
CA ASN A 541 11.25 -25.16 28.54
C ASN A 541 11.23 -26.06 27.29
N ASP A 542 10.10 -26.23 26.61
CA ASP A 542 10.15 -26.92 25.29
C ASP A 542 11.22 -26.28 24.40
N ARG A 543 12.02 -27.12 23.76
CA ARG A 543 13.02 -26.64 22.75
C ARG A 543 12.61 -27.01 21.31
N GLN A 544 11.42 -27.51 21.13
CA GLN A 544 11.03 -28.00 19.82
C GLN A 544 9.56 -27.70 19.70
N LEU A 545 9.10 -27.45 18.48
CA LEU A 545 7.67 -27.34 18.23
C LEU A 545 7.28 -28.33 17.16
N ARG A 546 6.09 -28.92 17.20
CA ARG A 546 5.59 -29.78 16.12
C ARG A 546 4.48 -28.95 15.45
N LEU A 547 4.74 -28.43 14.23
CA LEU A 547 3.88 -27.40 13.69
C LEU A 547 2.88 -28.06 12.80
N GLU A 548 1.60 -27.81 13.01
CA GLU A 548 0.62 -28.26 12.06
C GLU A 548 0.82 -27.45 10.76
N PRO A 549 0.28 -27.96 9.64
CA PRO A 549 0.29 -27.15 8.43
C PRO A 549 -0.34 -25.75 8.67
N TRP A 550 0.31 -24.73 8.16
CA TRP A 550 -0.12 -23.34 8.37
C TRP A 550 -0.20 -22.88 9.81
N GLN A 551 0.44 -23.59 10.74
CA GLN A 551 0.39 -23.16 12.14
C GLN A 551 1.15 -21.85 12.32
N SER A 552 0.65 -20.92 13.15
CA SER A 552 1.46 -19.76 13.49
C SER A 552 1.36 -19.59 15.00
N GLY A 553 2.40 -19.01 15.60
CA GLY A 553 2.38 -18.72 17.04
C GLY A 553 3.37 -17.62 17.42
N ILE A 554 3.09 -16.99 18.56
CA ILE A 554 4.07 -16.10 19.22
C ILE A 554 4.40 -16.73 20.58
N TYR A 555 5.67 -16.72 20.96
CA TYR A 555 6.10 -17.38 22.22
C TYR A 555 7.00 -16.42 22.98
N LYS A 556 6.94 -16.43 24.32
CA LYS A 556 7.96 -15.74 25.06
C LYS A 556 9.11 -16.75 25.31
N LEU A 557 10.36 -16.31 25.16
CA LEU A 557 11.45 -17.22 25.37
C LEU A 557 12.01 -17.10 26.78
N ASN A 558 12.55 -18.18 27.35
CA ASN A 558 13.24 -18.09 28.66
C ASN A 558 14.45 -17.15 28.62
N PRO A 559 14.79 -16.43 29.72
CA PRO A 559 16.11 -15.79 29.72
C PRO A 559 17.24 -16.80 29.81
C1 GOL B . 3.38 0.68 -10.30
O1 GOL B . 3.18 0.11 -11.56
C2 GOL B . 2.20 1.53 -9.96
O2 GOL B . 2.58 2.34 -8.84
C3 GOL B . 1.05 0.60 -9.63
O3 GOL B . 1.19 -0.72 -10.12
CA CA C . -22.36 5.86 -2.85
C1 GLC D . -0.50 6.26 -9.12
C2 GLC D . -1.41 5.01 -8.82
C3 GLC D . -1.70 4.65 -7.33
C4 GLC D . -0.40 4.47 -6.60
C5 GLC D . 0.48 5.68 -6.95
C6 GLC D . 1.88 5.36 -6.50
O1 GLC D . -0.88 7.68 -9.02
O2 GLC D . -2.50 4.76 -9.69
O3 GLC D . -2.60 3.58 -7.06
O4 GLC D . -0.58 4.24 -5.20
O5 GLC D . 0.62 6.01 -8.31
O6 GLC D . 2.20 5.83 -5.22
#